data_2A4Q
#
_entry.id   2A4Q
#
_cell.length_a   224.923
_cell.length_b   224.923
_cell.length_c   75.317
_cell.angle_alpha   90
_cell.angle_beta   90
_cell.angle_gamma   120
#
_symmetry.space_group_name_H-M   'H 3 2'
#
loop_
_entity.id
_entity.type
_entity.pdbx_description
1 polymer "NS3 protease/helicase'"
2 polymer 'NS4a peptide'
3 non-polymer 'ZINC ION'
4 non-polymer BETA-MERCAPTOETHANOL
5 non-polymer '(2R)-({N-[(3S)-3-({[(3S,6S)-6-CYCLOHEXYL-5,8-DIOXO-4,7-DIAZABICYCLO[14.3.1]ICOSA-1(20),16,18-TRIEN-3-YL]CARBONYL}AMINO)-2-OXOHEXANOYL]GLYCYL}AMINO)(PHENYL)ACETIC ACID'
6 water water
#
loop_
_entity_poly.entity_id
_entity_poly.type
_entity_poly.pdbx_seq_one_letter_code
_entity_poly.pdbx_strand_id
1 'polypeptide(L)'
;MASMTGGQQMGAPITAYAQQTRGLLGCIITSLTGRDKNQVEGEVQIVSTATQTFLATCINGVCWTVYHGAGTRTIASPKG
PVIQMYTNVDQDLVGWPAPQGSRSLTPCTCGSSDLYLVTRHADVIPVRRRGDSRGSLLSPRPISYLKGSSGGPLLCPAGH
AVGLFRAAVCTRGVAKAVDFIPVENLETTMRSGSHHHHHH
;
A,C
2 'polypeptide(L)' KKGSVVIVGRIVLSGKPAIIPKK B,D
#
loop_
_chem_comp.id
_chem_comp.type
_chem_comp.name
_chem_comp.formula
BME non-polymer BETA-MERCAPTOETHANOL 'C2 H6 O S'
FNH non-polymer '(2R)-({N-[(3S)-3-({[(3S,6S)-6-CYCLOHEXYL-5,8-DIOXO-4,7-DIAZABICYCLO[14.3.1]ICOSA-1(20),16,18-TRIEN-3-YL]CARBONYL}AMINO)-2-OXOHEXANOYL]GLYCYL}AMINO)(PHENYL)ACETIC ACID' 'C41 H55 N5 O8'
ZN non-polymer 'ZINC ION' 'Zn 2'
#
# COMPACT_ATOMS: atom_id res chain seq x y z
N ALA A 12 5.92 -10.29 2.17
CA ALA A 12 6.30 -8.84 2.14
C ALA A 12 5.07 -8.08 2.62
N PRO A 13 5.22 -6.78 2.96
CA PRO A 13 4.07 -6.01 3.41
C PRO A 13 3.19 -5.67 2.21
N ILE A 14 1.92 -5.36 2.47
CA ILE A 14 1.00 -5.00 1.39
C ILE A 14 1.27 -3.57 0.94
N THR A 15 1.57 -3.41 -0.35
CA THR A 15 1.80 -2.10 -0.90
C THR A 15 0.95 -2.04 -2.16
N ALA A 16 0.56 -0.85 -2.57
CA ALA A 16 -0.29 -0.68 -3.73
C ALA A 16 -0.06 0.65 -4.39
N TYR A 17 -0.29 0.71 -5.70
CA TYR A 17 -0.17 1.97 -6.40
C TYR A 17 -1.32 2.08 -7.36
N ALA A 18 -1.71 3.32 -7.64
CA ALA A 18 -2.80 3.58 -8.56
C ALA A 18 -2.30 4.21 -9.85
N GLN A 19 -3.02 3.97 -10.94
CA GLN A 19 -2.69 4.52 -12.26
C GLN A 19 -3.99 4.80 -13.01
N GLN A 20 -4.22 6.05 -13.41
CA GLN A 20 -5.42 6.37 -14.18
C GLN A 20 -5.12 6.05 -15.63
N THR A 21 -5.97 5.28 -16.27
CA THR A 21 -5.73 4.87 -17.65
C THR A 21 -6.67 5.56 -18.63
N ARG A 22 -7.64 6.31 -18.13
CA ARG A 22 -8.58 6.95 -19.00
C ARG A 22 -9.31 8.11 -18.37
N GLY A 23 -9.64 9.11 -19.19
CA GLY A 23 -10.34 10.30 -18.73
C GLY A 23 -11.84 10.34 -18.93
N LEU A 24 -12.44 11.44 -18.48
CA LEU A 24 -13.87 11.69 -18.54
C LEU A 24 -14.53 11.48 -19.91
N LEU A 25 -14.01 12.17 -20.92
CA LEU A 25 -14.56 12.06 -22.25
C LEU A 25 -14.32 10.70 -22.88
N GLY A 26 -13.15 10.13 -22.66
CA GLY A 26 -12.86 8.81 -23.23
C GLY A 26 -13.68 7.76 -22.50
N CYS A 27 -13.96 8.02 -21.23
CA CYS A 27 -14.74 7.10 -20.43
C CYS A 27 -16.16 7.06 -21.01
N ILE A 28 -16.76 8.24 -21.17
CA ILE A 28 -18.11 8.37 -21.74
C ILE A 28 -18.24 7.69 -23.11
N ILE A 29 -17.33 8.02 -24.02
CA ILE A 29 -17.39 7.41 -25.34
C ILE A 29 -17.34 5.89 -25.22
N THR A 30 -16.47 5.40 -24.33
CA THR A 30 -16.29 3.96 -24.12
C THR A 30 -17.51 3.32 -23.46
N SER A 31 -18.20 4.09 -22.64
CA SER A 31 -19.37 3.57 -21.96
C SER A 31 -20.42 3.21 -23.01
N LEU A 32 -20.67 4.16 -23.91
CA LEU A 32 -21.66 3.99 -24.99
C LEU A 32 -21.25 2.94 -26.02
N THR A 33 -20.02 3.08 -26.52
CA THR A 33 -19.46 2.17 -27.51
C THR A 33 -19.35 0.76 -26.94
N GLY A 34 -18.95 0.66 -25.67
CA GLY A 34 -18.79 -0.62 -25.02
C GLY A 34 -17.52 -1.32 -25.48
N ARG A 35 -16.70 -0.61 -26.24
CA ARG A 35 -15.46 -1.19 -26.73
C ARG A 35 -14.25 -0.53 -26.09
N ASP A 36 -13.49 -1.32 -25.35
CA ASP A 36 -12.32 -0.79 -24.69
C ASP A 36 -11.11 -1.50 -25.24
N LYS A 37 -10.21 -0.75 -25.86
CA LYS A 37 -9.01 -1.35 -26.41
C LYS A 37 -7.78 -1.21 -25.48
N ASN A 38 -7.93 -0.49 -24.37
CA ASN A 38 -6.82 -0.32 -23.42
C ASN A 38 -6.38 -1.64 -22.82
N GLN A 39 -5.10 -1.70 -22.44
CA GLN A 39 -4.54 -2.91 -21.84
C GLN A 39 -4.79 -2.89 -20.36
N VAL A 40 -5.07 -4.06 -19.82
CA VAL A 40 -5.36 -4.21 -18.40
C VAL A 40 -4.18 -4.78 -17.60
N GLU A 41 -4.00 -4.26 -16.39
CA GLU A 41 -2.96 -4.70 -15.50
C GLU A 41 -3.50 -4.55 -14.10
N GLY A 42 -2.97 -5.34 -13.18
CA GLY A 42 -3.42 -5.23 -11.81
C GLY A 42 -4.52 -6.21 -11.45
N GLU A 43 -4.79 -6.30 -10.16
CA GLU A 43 -5.81 -7.20 -9.65
C GLU A 43 -7.10 -6.46 -9.28
N VAL A 44 -7.00 -5.16 -9.12
CA VAL A 44 -8.16 -4.33 -8.78
C VAL A 44 -8.31 -3.25 -9.84
N GLN A 45 -9.47 -3.17 -10.47
CA GLN A 45 -9.70 -2.17 -11.49
C GLN A 45 -10.56 -1.03 -10.94
N ILE A 46 -10.18 0.20 -11.28
CA ILE A 46 -10.95 1.38 -10.87
C ILE A 46 -12.00 1.43 -11.97
N VAL A 47 -13.27 1.53 -11.59
CA VAL A 47 -14.33 1.43 -12.56
C VAL A 47 -15.36 2.56 -12.49
N SER A 48 -15.99 2.87 -13.61
CA SER A 48 -16.99 3.93 -13.64
C SER A 48 -18.15 3.72 -14.61
N THR A 49 -19.25 4.37 -14.28
CA THR A 49 -20.46 4.41 -15.09
C THR A 49 -20.62 5.92 -15.19
N ALA A 50 -21.56 6.39 -15.99
CA ALA A 50 -21.76 7.84 -16.14
C ALA A 50 -22.31 8.46 -14.86
N THR A 51 -22.68 7.61 -13.89
CA THR A 51 -23.24 8.09 -12.64
C THR A 51 -22.33 8.01 -11.41
N GLN A 52 -21.50 6.98 -11.32
CA GLN A 52 -20.63 6.83 -10.16
C GLN A 52 -19.39 6.01 -10.43
N THR A 53 -18.38 6.20 -9.59
CA THR A 53 -17.13 5.47 -9.74
C THR A 53 -16.84 4.66 -8.50
N PHE A 54 -16.40 3.43 -8.73
CA PHE A 54 -16.12 2.48 -7.65
C PHE A 54 -14.94 1.56 -8.04
N LEU A 55 -14.80 0.43 -7.36
CA LEU A 55 -13.70 -0.51 -7.64
C LEU A 55 -14.23 -1.89 -7.99
N ALA A 56 -13.38 -2.71 -8.59
CA ALA A 56 -13.76 -4.06 -8.96
C ALA A 56 -12.52 -4.86 -8.67
N THR A 57 -12.70 -6.07 -8.16
CA THR A 57 -11.55 -6.90 -7.81
C THR A 57 -11.57 -8.23 -8.52
N CYS A 58 -10.43 -8.65 -9.04
CA CYS A 58 -10.33 -9.92 -9.74
C CYS A 58 -9.91 -11.02 -8.76
N ILE A 59 -10.79 -11.99 -8.54
CA ILE A 59 -10.47 -13.09 -7.64
C ILE A 59 -10.76 -14.36 -8.41
N ASN A 60 -9.80 -15.26 -8.44
CA ASN A 60 -9.97 -16.53 -9.15
C ASN A 60 -10.51 -16.44 -10.57
N GLY A 61 -10.03 -15.48 -11.34
CA GLY A 61 -10.47 -15.35 -12.71
C GLY A 61 -11.76 -14.61 -12.99
N VAL A 62 -12.40 -14.07 -11.95
CA VAL A 62 -13.65 -13.34 -12.12
C VAL A 62 -13.50 -11.92 -11.59
N CYS A 63 -13.97 -10.94 -12.35
CA CYS A 63 -13.89 -9.56 -11.94
C CYS A 63 -15.18 -9.21 -11.19
N TRP A 64 -15.10 -9.22 -9.88
CA TRP A 64 -16.24 -8.97 -9.00
C TRP A 64 -16.36 -7.52 -8.61
N THR A 65 -17.58 -7.07 -8.45
CA THR A 65 -17.82 -5.72 -7.99
C THR A 65 -19.15 -5.64 -7.26
N VAL A 66 -19.42 -4.45 -6.78
CA VAL A 66 -20.60 -4.15 -6.02
C VAL A 66 -21.83 -3.83 -6.90
N TYR A 67 -22.90 -4.58 -6.70
CA TYR A 67 -24.13 -4.42 -7.47
C TYR A 67 -24.70 -2.99 -7.38
N HIS A 68 -24.53 -2.33 -6.24
CA HIS A 68 -25.03 -0.97 -6.12
C HIS A 68 -24.20 0.02 -6.92
N GLY A 69 -23.26 -0.50 -7.69
CA GLY A 69 -22.43 0.36 -8.50
C GLY A 69 -22.57 -0.07 -9.94
N ALA A 70 -22.38 -1.36 -10.20
CA ALA A 70 -22.44 -1.88 -11.56
C ALA A 70 -23.86 -2.13 -12.04
N GLY A 71 -24.78 -2.35 -11.11
CA GLY A 71 -26.15 -2.64 -11.49
C GLY A 71 -26.12 -3.91 -12.33
N THR A 72 -26.85 -3.92 -13.43
CA THR A 72 -26.88 -5.09 -14.28
C THR A 72 -26.14 -4.85 -15.62
N ARG A 73 -25.37 -3.76 -15.64
CA ARG A 73 -24.63 -3.34 -16.82
C ARG A 73 -23.59 -4.32 -17.32
N THR A 74 -23.19 -4.15 -18.58
CA THR A 74 -22.13 -4.97 -19.18
C THR A 74 -20.84 -4.22 -18.91
N ILE A 75 -19.69 -4.85 -19.15
CA ILE A 75 -18.43 -4.14 -18.95
C ILE A 75 -17.77 -3.99 -20.31
N ALA A 76 -17.27 -2.79 -20.58
CA ALA A 76 -16.62 -2.52 -21.87
C ALA A 76 -15.35 -3.35 -22.00
N SER A 77 -15.18 -3.97 -23.15
CA SER A 77 -14.00 -4.79 -23.40
C SER A 77 -13.57 -4.60 -24.85
N PRO A 78 -12.36 -5.06 -25.22
CA PRO A 78 -11.86 -4.93 -26.59
C PRO A 78 -12.72 -5.63 -27.63
N LYS A 79 -13.61 -6.50 -27.16
CA LYS A 79 -14.50 -7.23 -28.03
C LYS A 79 -15.95 -6.71 -27.91
N GLY A 80 -16.10 -5.52 -27.35
CA GLY A 80 -17.42 -4.95 -27.18
C GLY A 80 -17.86 -5.23 -25.75
N PRO A 81 -19.09 -4.86 -25.34
CA PRO A 81 -19.51 -5.14 -23.97
C PRO A 81 -19.63 -6.62 -23.64
N VAL A 82 -19.33 -6.95 -22.38
CA VAL A 82 -19.38 -8.31 -21.89
C VAL A 82 -20.47 -8.44 -20.83
N ILE A 83 -21.33 -9.44 -21.00
CA ILE A 83 -22.46 -9.73 -20.11
C ILE A 83 -21.96 -10.32 -18.80
N GLN A 84 -22.60 -9.94 -17.70
CA GLN A 84 -22.22 -10.43 -16.39
C GLN A 84 -22.31 -11.94 -16.29
N MET A 85 -21.37 -12.52 -15.56
CA MET A 85 -21.36 -13.96 -15.33
C MET A 85 -22.22 -14.26 -14.11
N TYR A 86 -22.16 -13.40 -13.11
CA TYR A 86 -22.92 -13.59 -11.87
C TYR A 86 -23.58 -12.29 -11.48
N THR A 87 -24.79 -12.41 -10.95
CA THR A 87 -25.55 -11.26 -10.51
C THR A 87 -26.28 -11.74 -9.26
N ASN A 88 -26.15 -11.00 -8.18
CA ASN A 88 -26.82 -11.39 -6.95
C ASN A 88 -27.17 -10.12 -6.17
N VAL A 89 -28.32 -9.54 -6.53
CA VAL A 89 -28.76 -8.31 -5.90
C VAL A 89 -28.73 -8.38 -4.39
N ASP A 90 -29.06 -9.55 -3.83
CA ASP A 90 -29.08 -9.73 -2.38
C ASP A 90 -27.69 -9.63 -1.78
N GLN A 91 -26.74 -10.41 -2.33
CA GLN A 91 -25.36 -10.39 -1.84
C GLN A 91 -24.73 -9.05 -2.19
N ASP A 92 -25.36 -8.36 -3.14
CA ASP A 92 -24.93 -7.06 -3.64
C ASP A 92 -23.65 -7.30 -4.48
N LEU A 93 -23.68 -8.34 -5.30
CA LEU A 93 -22.55 -8.71 -6.13
C LEU A 93 -22.86 -8.85 -7.61
N VAL A 94 -21.83 -8.65 -8.43
CA VAL A 94 -21.92 -8.86 -9.89
C VAL A 94 -20.52 -9.35 -10.24
N GLY A 95 -20.39 -10.11 -11.31
CA GLY A 95 -19.09 -10.60 -11.70
C GLY A 95 -19.05 -10.79 -13.19
N TRP A 96 -17.93 -10.45 -13.81
CA TRP A 96 -17.75 -10.59 -15.26
C TRP A 96 -16.47 -11.40 -15.39
N PRO A 97 -16.24 -12.02 -16.56
CA PRO A 97 -14.99 -12.77 -16.67
C PRO A 97 -13.89 -11.71 -16.49
N ALA A 98 -12.86 -12.03 -15.70
CA ALA A 98 -11.76 -11.09 -15.47
C ALA A 98 -11.15 -10.66 -16.78
N PRO A 99 -10.98 -9.35 -16.99
CA PRO A 99 -10.40 -8.82 -18.22
C PRO A 99 -9.07 -9.46 -18.57
N GLN A 100 -8.75 -9.49 -19.84
CA GLN A 100 -7.48 -10.07 -20.26
C GLN A 100 -6.40 -9.11 -19.82
N GLY A 101 -5.39 -9.63 -19.14
CA GLY A 101 -4.29 -8.81 -18.68
C GLY A 101 -4.32 -8.61 -17.18
N SER A 102 -5.48 -8.80 -16.57
CA SER A 102 -5.59 -8.64 -15.13
C SER A 102 -4.93 -9.81 -14.40
N ARG A 103 -4.69 -9.62 -13.10
CA ARG A 103 -4.09 -10.64 -12.24
C ARG A 103 -5.13 -10.92 -11.16
N SER A 104 -5.37 -12.18 -10.85
CA SER A 104 -6.37 -12.48 -9.85
C SER A 104 -5.80 -12.70 -8.46
N LEU A 105 -6.59 -12.35 -7.46
CA LEU A 105 -6.24 -12.57 -6.07
C LEU A 105 -6.83 -13.95 -5.75
N THR A 106 -6.36 -14.57 -4.67
CA THR A 106 -6.88 -15.87 -4.28
C THR A 106 -7.56 -15.70 -2.93
N PRO A 107 -8.66 -16.45 -2.70
CA PRO A 107 -9.40 -16.37 -1.45
C PRO A 107 -8.49 -16.75 -0.29
N CYS A 108 -8.74 -16.16 0.87
CA CYS A 108 -7.96 -16.42 2.08
C CYS A 108 -8.26 -17.80 2.65
N THR A 109 -7.19 -18.45 3.07
CA THR A 109 -7.23 -19.78 3.64
C THR A 109 -6.53 -19.80 5.01
N CYS A 110 -6.90 -18.88 5.89
CA CYS A 110 -6.28 -18.80 7.22
C CYS A 110 -7.15 -18.05 8.20
N GLY A 111 -8.41 -17.81 7.83
CA GLY A 111 -9.35 -17.11 8.68
C GLY A 111 -8.79 -16.09 9.66
N SER A 112 -7.98 -15.15 9.18
CA SER A 112 -7.40 -14.14 10.05
C SER A 112 -8.42 -13.07 10.38
N SER A 113 -8.20 -12.42 11.53
CA SER A 113 -9.08 -11.36 12.01
C SER A 113 -8.46 -9.99 11.76
N ASP A 114 -7.20 -9.99 11.31
CA ASP A 114 -6.49 -8.75 10.98
C ASP A 114 -6.61 -8.59 9.48
N LEU A 115 -7.44 -7.64 9.06
CA LEU A 115 -7.67 -7.39 7.64
C LEU A 115 -7.11 -6.04 7.20
N TYR A 116 -6.87 -5.89 5.91
CA TYR A 116 -6.34 -4.65 5.34
C TYR A 116 -7.17 -4.28 4.13
N LEU A 117 -7.74 -3.08 4.16
CA LEU A 117 -8.58 -2.56 3.09
C LEU A 117 -7.78 -1.69 2.11
N VAL A 118 -7.89 -1.99 0.81
CA VAL A 118 -7.20 -1.21 -0.20
C VAL A 118 -8.22 -0.25 -0.79
N THR A 119 -7.98 1.05 -0.64
CA THR A 119 -8.90 2.07 -1.16
C THR A 119 -8.58 2.43 -2.62
N ARG A 120 -9.49 3.15 -3.26
CA ARG A 120 -9.30 3.54 -4.65
C ARG A 120 -8.08 4.45 -4.80
N HIS A 121 -7.59 4.97 -3.68
CA HIS A 121 -6.40 5.83 -3.70
C HIS A 121 -5.14 4.97 -3.52
N ALA A 122 -5.30 3.65 -3.52
CA ALA A 122 -4.19 2.71 -3.36
C ALA A 122 -3.57 2.73 -1.95
N ASP A 123 -4.39 2.97 -0.95
CA ASP A 123 -3.94 2.96 0.44
C ASP A 123 -4.46 1.70 1.06
N VAL A 124 -3.74 1.17 2.02
CA VAL A 124 -4.20 -0.04 2.69
C VAL A 124 -4.36 0.33 4.16
N ILE A 125 -5.57 0.17 4.66
CA ILE A 125 -5.85 0.51 6.04
C ILE A 125 -6.21 -0.74 6.84
N PRO A 126 -5.68 -0.85 8.08
CA PRO A 126 -5.97 -2.01 8.91
C PRO A 126 -7.43 -2.03 9.34
N VAL A 127 -8.00 -3.22 9.37
CA VAL A 127 -9.39 -3.43 9.74
C VAL A 127 -9.48 -4.70 10.60
N ARG A 128 -10.09 -4.58 11.77
CA ARG A 128 -10.25 -5.71 12.70
C ARG A 128 -11.58 -6.43 12.48
N ARG A 129 -11.53 -7.68 12.03
CA ARG A 129 -12.74 -8.46 11.77
C ARG A 129 -13.56 -8.61 13.05
N ARG A 130 -14.83 -8.20 12.99
CA ARG A 130 -15.74 -8.27 14.14
C ARG A 130 -16.96 -9.13 13.82
N GLY A 131 -16.93 -9.80 12.67
CA GLY A 131 -18.04 -10.63 12.27
C GLY A 131 -17.70 -11.21 10.93
N ASP A 132 -18.62 -11.98 10.36
CA ASP A 132 -18.37 -12.58 9.06
C ASP A 132 -18.42 -11.52 7.95
N SER A 133 -19.11 -10.42 8.23
CA SER A 133 -19.26 -9.34 7.26
C SER A 133 -18.97 -7.93 7.81
N ARG A 134 -18.35 -7.84 8.98
CA ARG A 134 -18.07 -6.54 9.56
C ARG A 134 -16.65 -6.52 10.12
N GLY A 135 -16.08 -5.34 10.19
CA GLY A 135 -14.74 -5.17 10.72
C GLY A 135 -14.66 -3.74 11.17
N SER A 136 -13.74 -3.43 12.07
CA SER A 136 -13.60 -2.08 12.57
C SER A 136 -12.28 -1.41 12.18
N LEU A 137 -12.36 -0.13 11.87
CA LEU A 137 -11.18 0.64 11.49
C LEU A 137 -10.36 0.93 12.74
N LEU A 138 -9.07 0.66 12.67
CA LEU A 138 -8.20 0.94 13.80
C LEU A 138 -7.99 2.44 13.84
N SER A 139 -7.90 3.04 12.65
CA SER A 139 -7.73 4.48 12.52
C SER A 139 -8.94 4.99 11.72
N PRO A 140 -9.95 5.51 12.42
CA PRO A 140 -11.16 6.02 11.77
C PRO A 140 -10.86 7.13 10.76
N ARG A 141 -11.46 7.00 9.58
CA ARG A 141 -11.28 7.98 8.51
C ARG A 141 -12.65 8.52 8.13
N PRO A 142 -12.71 9.73 7.55
CA PRO A 142 -14.01 10.26 7.16
C PRO A 142 -14.54 9.48 5.93
N ILE A 143 -15.84 9.19 5.89
CA ILE A 143 -16.41 8.42 4.77
C ILE A 143 -16.08 8.96 3.39
N SER A 144 -15.71 10.23 3.32
CA SER A 144 -15.34 10.86 2.06
C SER A 144 -14.11 10.16 1.47
N TYR A 145 -13.20 9.77 2.36
CA TYR A 145 -12.01 9.07 1.95
C TYR A 145 -12.34 7.68 1.42
N LEU A 146 -13.41 7.09 1.95
CA LEU A 146 -13.83 5.76 1.50
C LEU A 146 -14.73 5.82 0.25
N LYS A 147 -15.26 7.00 -0.07
CA LYS A 147 -16.10 7.16 -1.26
C LYS A 147 -15.36 6.64 -2.48
N GLY A 148 -16.05 5.85 -3.29
CA GLY A 148 -15.43 5.29 -4.48
C GLY A 148 -14.73 3.97 -4.28
N SER A 149 -14.63 3.47 -3.05
CA SER A 149 -13.95 2.20 -2.80
C SER A 149 -14.78 0.92 -2.72
N SER A 150 -16.10 1.02 -2.88
CA SER A 150 -16.97 -0.18 -2.83
C SER A 150 -16.52 -1.15 -3.90
N GLY A 151 -16.33 -2.41 -3.53
CA GLY A 151 -15.88 -3.39 -4.49
C GLY A 151 -14.39 -3.67 -4.33
N GLY A 152 -13.71 -2.83 -3.55
CA GLY A 152 -12.29 -3.02 -3.30
C GLY A 152 -12.04 -4.23 -2.42
N PRO A 153 -10.82 -4.77 -2.39
CA PRO A 153 -10.54 -5.95 -1.58
C PRO A 153 -10.19 -5.72 -0.12
N LEU A 154 -10.51 -6.72 0.70
CA LEU A 154 -10.17 -6.74 2.12
C LEU A 154 -9.22 -7.93 2.18
N LEU A 155 -7.94 -7.64 2.35
CA LEU A 155 -6.90 -8.66 2.38
C LEU A 155 -6.49 -9.10 3.76
N CYS A 156 -6.03 -10.34 3.86
CA CYS A 156 -5.53 -10.87 5.11
C CYS A 156 -4.02 -10.54 5.04
N PRO A 157 -3.27 -10.78 6.12
CA PRO A 157 -1.83 -10.46 6.08
C PRO A 157 -1.03 -11.09 4.95
N ALA A 158 -1.54 -12.19 4.38
CA ALA A 158 -0.89 -12.91 3.30
C ALA A 158 -1.22 -12.35 1.90
N GLY A 159 -2.03 -11.29 1.86
CA GLY A 159 -2.42 -10.68 0.60
C GLY A 159 -3.51 -11.44 -0.13
N HIS A 160 -4.36 -12.12 0.62
CA HIS A 160 -5.43 -12.89 0.03
C HIS A 160 -6.74 -12.26 0.33
N ALA A 161 -7.66 -12.39 -0.61
CA ALA A 161 -8.98 -11.80 -0.49
C ALA A 161 -9.83 -12.44 0.60
N VAL A 162 -10.34 -11.60 1.48
CA VAL A 162 -11.20 -12.00 2.58
C VAL A 162 -12.61 -11.50 2.24
N GLY A 163 -12.68 -10.32 1.67
CA GLY A 163 -13.96 -9.76 1.32
C GLY A 163 -13.81 -8.55 0.43
N LEU A 164 -14.94 -8.04 -0.03
CA LEU A 164 -14.99 -6.87 -0.89
C LEU A 164 -15.73 -5.78 -0.11
N PHE A 165 -15.12 -4.62 0.03
CA PHE A 165 -15.73 -3.48 0.73
C PHE A 165 -17.12 -3.22 0.13
N ARG A 166 -18.09 -2.91 0.98
CA ARG A 166 -19.45 -2.69 0.50
C ARG A 166 -20.09 -1.40 1.00
N ALA A 167 -19.91 -1.12 2.28
CA ALA A 167 -20.50 0.06 2.86
C ALA A 167 -19.74 0.49 4.09
N ALA A 168 -19.75 1.79 4.33
CA ALA A 168 -19.07 2.33 5.47
C ALA A 168 -20.04 2.48 6.64
N VAL A 169 -19.56 2.14 7.84
CA VAL A 169 -20.34 2.25 9.06
C VAL A 169 -19.78 3.51 9.71
N CYS A 170 -20.53 4.59 9.59
CA CYS A 170 -20.08 5.87 10.11
C CYS A 170 -21.13 6.65 10.89
N THR A 171 -20.67 7.71 11.55
CA THR A 171 -21.53 8.56 12.33
C THR A 171 -20.88 9.94 12.32
N ARG A 172 -21.69 10.98 12.15
CA ARG A 172 -21.20 12.36 12.11
C ARG A 172 -20.21 12.54 10.95
N GLY A 173 -20.28 11.65 9.97
CA GLY A 173 -19.38 11.74 8.84
C GLY A 173 -18.05 11.02 9.00
N VAL A 174 -17.86 10.28 10.08
CA VAL A 174 -16.62 9.55 10.30
C VAL A 174 -16.85 8.04 10.30
N ALA A 175 -16.17 7.35 9.38
CA ALA A 175 -16.29 5.91 9.26
C ALA A 175 -15.45 5.29 10.36
N LYS A 176 -16.07 4.42 11.15
CA LYS A 176 -15.40 3.76 12.26
C LYS A 176 -15.38 2.25 12.07
N ALA A 177 -16.21 1.77 11.15
CA ALA A 177 -16.30 0.36 10.84
C ALA A 177 -16.68 0.24 9.38
N VAL A 178 -16.63 -0.98 8.84
CA VAL A 178 -16.98 -1.20 7.46
C VAL A 178 -17.70 -2.53 7.30
N ASP A 179 -18.67 -2.55 6.38
CA ASP A 179 -19.39 -3.77 6.07
C ASP A 179 -18.83 -4.30 4.76
N PHE A 180 -18.52 -5.59 4.73
CA PHE A 180 -17.97 -6.19 3.53
C PHE A 180 -18.66 -7.48 3.14
N ILE A 181 -18.37 -7.93 1.93
CA ILE A 181 -18.92 -9.16 1.39
C ILE A 181 -17.80 -10.22 1.52
N PRO A 182 -17.90 -11.12 2.51
CA PRO A 182 -16.88 -12.15 2.69
C PRO A 182 -16.79 -13.05 1.45
N VAL A 183 -15.58 -13.50 1.12
CA VAL A 183 -15.36 -14.34 -0.05
C VAL A 183 -16.31 -15.52 -0.19
N GLU A 184 -16.84 -16.00 0.92
CA GLU A 184 -17.77 -17.13 0.90
C GLU A 184 -19.00 -16.83 0.05
N ASN A 185 -19.48 -15.59 0.11
CA ASN A 185 -20.65 -15.18 -0.66
C ASN A 185 -20.42 -15.32 -2.14
N LEU A 186 -19.15 -15.23 -2.54
CA LEU A 186 -18.77 -15.36 -3.94
C LEU A 186 -18.98 -16.79 -4.40
N GLU A 187 -18.51 -17.74 -3.61
CA GLU A 187 -18.65 -19.14 -3.96
C GLU A 187 -20.11 -19.59 -4.04
N THR A 188 -20.95 -19.05 -3.15
CA THR A 188 -22.36 -19.41 -3.15
C THR A 188 -23.08 -18.72 -4.29
N THR A 189 -22.71 -17.47 -4.58
CA THR A 189 -23.30 -16.71 -5.67
C THR A 189 -23.00 -17.36 -7.02
N MET A 190 -21.78 -17.91 -7.17
CA MET A 190 -21.38 -18.58 -8.41
C MET A 190 -22.19 -19.85 -8.57
N ARG A 191 -22.46 -20.47 -7.44
CA ARG A 191 -23.23 -21.71 -7.35
C ARG A 191 -24.71 -21.42 -7.61
N SER A 192 -25.04 -20.14 -7.78
CA SER A 192 -26.41 -19.70 -8.02
C SER A 192 -26.56 -19.08 -9.43
N LYS B 2 -28.27 0.21 -20.29
CA LYS B 2 -27.51 1.47 -20.02
C LYS B 2 -26.17 1.34 -20.70
N GLY B 3 -25.29 2.29 -20.41
CA GLY B 3 -23.96 2.25 -20.99
C GLY B 3 -23.19 1.21 -20.21
N SER B 4 -22.04 0.82 -20.71
CA SER B 4 -21.22 -0.17 -20.04
C SER B 4 -20.37 0.43 -18.90
N VAL B 5 -19.98 -0.43 -17.97
CA VAL B 5 -19.11 -0.07 -16.88
C VAL B 5 -17.75 0.05 -17.58
N VAL B 6 -17.01 1.10 -17.31
CA VAL B 6 -15.71 1.34 -17.96
C VAL B 6 -14.55 1.38 -16.96
N ILE B 7 -13.45 0.72 -17.32
CA ILE B 7 -12.24 0.71 -16.51
C ILE B 7 -11.52 2.04 -16.76
N VAL B 8 -11.39 2.86 -15.72
CA VAL B 8 -10.73 4.14 -15.86
C VAL B 8 -9.37 4.22 -15.17
N GLY B 9 -8.97 3.14 -14.53
CA GLY B 9 -7.72 3.12 -13.82
C GLY B 9 -7.46 1.74 -13.25
N ARG B 10 -6.39 1.59 -12.49
CA ARG B 10 -6.03 0.30 -11.91
C ARG B 10 -5.27 0.50 -10.62
N ILE B 11 -5.27 -0.53 -9.80
CA ILE B 11 -4.57 -0.51 -8.53
C ILE B 11 -3.74 -1.80 -8.54
N VAL B 12 -2.43 -1.67 -8.38
CA VAL B 12 -1.59 -2.86 -8.41
C VAL B 12 -1.01 -3.19 -7.04
N LEU B 13 -1.28 -4.42 -6.61
CA LEU B 13 -0.85 -4.97 -5.32
C LEU B 13 0.43 -5.80 -5.43
N SER B 14 0.70 -6.26 -6.64
CA SER B 14 1.86 -7.10 -6.91
C SER B 14 3.22 -6.38 -7.02
N GLY B 15 3.25 -5.07 -6.82
CA GLY B 15 4.50 -4.37 -6.92
C GLY B 15 5.32 -4.54 -5.65
N LYS B 16 6.63 -4.69 -5.81
CA LYS B 16 7.54 -4.85 -4.67
C LYS B 16 8.46 -3.63 -4.67
N PRO B 17 9.07 -3.30 -3.53
CA PRO B 17 9.97 -2.13 -3.49
C PRO B 17 10.94 -2.11 -4.66
N ALA B 18 11.14 -0.93 -5.21
CA ALA B 18 12.03 -0.82 -6.35
C ALA B 18 12.78 0.48 -6.29
N ILE B 19 14.02 0.43 -6.76
CA ILE B 19 14.86 1.61 -6.82
C ILE B 19 14.38 2.30 -8.08
N ILE B 20 13.80 3.48 -7.92
CA ILE B 20 13.29 4.22 -9.06
C ILE B 20 14.43 4.52 -10.02
N PRO B 21 14.31 4.08 -11.29
CA PRO B 21 15.36 4.33 -12.28
C PRO B 21 15.62 5.82 -12.56
N LYS B 22 16.85 6.15 -12.94
CA LYS B 22 17.26 7.52 -13.21
C LYS B 22 17.82 7.68 -14.62
N LYS B 23 18.50 8.80 -14.86
CA LYS B 23 19.12 9.11 -16.16
C LYS B 23 20.56 9.63 -15.98
N VAL C 40 6.40 9.06 -10.48
CA VAL C 40 6.68 8.11 -9.35
C VAL C 40 7.50 8.83 -8.29
N GLU C 41 7.01 8.80 -7.05
CA GLU C 41 7.69 9.41 -5.90
C GLU C 41 8.14 8.30 -4.94
N GLY C 42 9.30 8.49 -4.32
CA GLY C 42 9.81 7.51 -3.39
C GLY C 42 9.69 7.91 -1.92
N GLU C 43 9.41 6.94 -1.07
CA GLU C 43 9.30 7.19 0.38
C GLU C 43 10.68 7.06 1.01
N VAL C 44 11.54 6.24 0.39
CA VAL C 44 12.89 6.00 0.86
C VAL C 44 13.93 6.65 -0.06
N GLN C 45 14.85 7.42 0.52
CA GLN C 45 15.92 8.08 -0.22
C GLN C 45 17.20 7.39 0.15
N ILE C 46 18.06 7.17 -0.84
CA ILE C 46 19.34 6.55 -0.60
C ILE C 46 20.28 7.74 -0.52
N VAL C 47 20.87 7.94 0.65
CA VAL C 47 21.76 9.08 0.86
C VAL C 47 23.22 8.74 1.02
N SER C 48 24.06 9.76 0.94
CA SER C 48 25.50 9.60 1.07
C SER C 48 26.16 10.83 1.63
N THR C 49 27.27 10.61 2.29
CA THR C 49 28.09 11.67 2.86
C THR C 49 29.44 11.29 2.27
N ALA C 50 30.49 12.01 2.62
CA ALA C 50 31.81 11.64 2.09
C ALA C 50 32.27 10.33 2.72
N THR C 51 31.85 10.10 3.96
CA THR C 51 32.23 8.92 4.71
C THR C 51 31.44 7.67 4.34
N GLN C 52 30.12 7.74 4.44
CA GLN C 52 29.29 6.58 4.16
C GLN C 52 28.05 6.83 3.32
N THR C 53 27.24 5.78 3.22
CA THR C 53 26.00 5.79 2.49
C THR C 53 25.01 5.04 3.36
N PHE C 54 23.81 5.56 3.43
CA PHE C 54 22.77 4.96 4.22
C PHE C 54 21.41 5.29 3.61
N LEU C 55 20.36 5.23 4.43
CA LEU C 55 19.02 5.51 3.93
C LEU C 55 18.32 6.55 4.79
N ALA C 56 17.30 7.18 4.22
CA ALA C 56 16.47 8.17 4.90
C ALA C 56 15.06 7.73 4.56
N THR C 57 14.09 7.96 5.45
CA THR C 57 12.71 7.56 5.20
C THR C 57 11.77 8.72 5.49
N CYS C 58 10.90 9.05 4.54
CA CYS C 58 9.95 10.15 4.73
C CYS C 58 8.70 9.67 5.44
N ILE C 59 8.42 10.26 6.60
CA ILE C 59 7.25 9.92 7.42
C ILE C 59 6.67 11.22 7.94
N ASN C 60 5.39 11.45 7.65
CA ASN C 60 4.68 12.65 8.08
C ASN C 60 5.31 13.97 7.62
N GLY C 61 5.80 14.00 6.39
CA GLY C 61 6.39 15.22 5.86
C GLY C 61 7.83 15.51 6.22
N VAL C 62 8.43 14.63 7.03
CA VAL C 62 9.82 14.80 7.43
C VAL C 62 10.65 13.66 6.85
N CYS C 63 11.89 13.98 6.48
CA CYS C 63 12.83 13.01 5.93
C CYS C 63 13.76 12.65 7.10
N TRP C 64 13.47 11.51 7.74
CA TRP C 64 14.22 11.05 8.89
C TRP C 64 15.34 10.10 8.52
N THR C 65 16.41 10.13 9.31
CA THR C 65 17.55 9.24 9.14
C THR C 65 18.32 9.17 10.46
N VAL C 66 19.34 8.30 10.49
CA VAL C 66 20.15 8.09 11.68
C VAL C 66 21.25 9.12 11.90
N TYR C 67 21.30 9.63 13.13
CA TYR C 67 22.28 10.64 13.52
C TYR C 67 23.70 10.13 13.30
N HIS C 68 23.92 8.83 13.47
CA HIS C 68 25.25 8.29 13.28
C HIS C 68 25.69 8.29 11.81
N GLY C 69 24.78 8.69 10.93
CA GLY C 69 25.10 8.74 9.51
C GLY C 69 25.15 10.18 9.08
N ALA C 70 24.07 10.91 9.36
CA ALA C 70 23.96 12.32 8.98
C ALA C 70 24.64 13.29 9.95
N GLY C 71 24.66 12.93 11.22
CA GLY C 71 25.24 13.81 12.21
C GLY C 71 24.33 15.02 12.26
N THR C 72 24.90 16.20 12.11
CA THR C 72 24.12 17.43 12.11
C THR C 72 24.25 18.08 10.73
N ARG C 73 24.65 17.27 9.75
CA ARG C 73 24.80 17.73 8.39
C ARG C 73 23.50 18.24 7.83
N THR C 74 23.62 19.16 6.90
CA THR C 74 22.49 19.78 6.26
C THR C 74 22.23 18.93 5.02
N ILE C 75 21.01 18.95 4.47
CA ILE C 75 20.72 18.16 3.27
C ILE C 75 20.75 19.01 1.99
N ALA C 76 21.29 18.47 0.91
CA ALA C 76 21.39 19.21 -0.34
C ALA C 76 20.08 19.36 -1.11
N SER C 77 19.88 20.52 -1.73
CA SER C 77 18.69 20.76 -2.55
C SER C 77 19.10 21.68 -3.69
N PRO C 78 18.26 21.80 -4.75
CA PRO C 78 18.58 22.67 -5.89
C PRO C 78 18.67 24.14 -5.50
N LYS C 79 18.33 24.45 -4.26
CA LYS C 79 18.37 25.82 -3.78
C LYS C 79 19.34 26.05 -2.63
N GLY C 80 20.19 25.06 -2.38
CA GLY C 80 21.15 25.21 -1.32
C GLY C 80 20.85 24.30 -0.15
N PRO C 81 21.81 24.12 0.76
CA PRO C 81 21.65 23.26 1.94
C PRO C 81 20.46 23.65 2.79
N VAL C 82 19.70 22.65 3.21
CA VAL C 82 18.56 22.89 4.06
C VAL C 82 18.87 22.22 5.39
N ILE C 83 18.70 22.97 6.47
CA ILE C 83 18.99 22.47 7.82
C ILE C 83 17.97 21.49 8.41
N GLN C 84 18.46 20.67 9.32
CA GLN C 84 17.65 19.68 10.00
C GLN C 84 16.56 20.34 10.82
N MET C 85 15.36 19.78 10.76
CA MET C 85 14.25 20.29 11.54
C MET C 85 14.37 19.74 12.94
N TYR C 86 14.88 18.51 13.05
CA TYR C 86 15.01 17.84 14.33
C TYR C 86 16.35 17.12 14.39
N THR C 87 16.94 17.03 15.58
CA THR C 87 18.21 16.36 15.77
C THR C 87 18.18 15.68 17.14
N ASN C 88 17.39 14.63 17.28
CA ASN C 88 17.31 13.92 18.55
C ASN C 88 18.52 13.02 18.71
N VAL C 89 19.65 13.62 19.08
CA VAL C 89 20.90 12.90 19.25
C VAL C 89 20.73 11.67 20.16
N ASP C 90 19.94 11.83 21.21
CA ASP C 90 19.71 10.76 22.17
C ASP C 90 19.13 9.51 21.52
N GLN C 91 18.22 9.70 20.58
CA GLN C 91 17.58 8.59 19.90
C GLN C 91 18.24 8.22 18.57
N ASP C 92 19.37 8.85 18.26
CA ASP C 92 20.09 8.60 17.01
C ASP C 92 19.15 8.95 15.84
N LEU C 93 18.43 10.06 16.02
CA LEU C 93 17.44 10.52 15.06
C LEU C 93 17.57 11.98 14.60
N VAL C 94 17.57 12.19 13.29
CA VAL C 94 17.61 13.53 12.70
C VAL C 94 16.59 13.58 11.57
N GLY C 95 16.04 14.77 11.34
CA GLY C 95 15.05 14.91 10.30
C GLY C 95 15.12 16.25 9.60
N TRP C 96 14.95 16.24 8.28
CA TRP C 96 14.95 17.46 7.47
C TRP C 96 13.58 17.50 6.81
N PRO C 97 13.22 18.63 6.18
CA PRO C 97 11.93 18.71 5.52
C PRO C 97 11.98 17.73 4.33
N ALA C 98 10.90 16.99 4.09
CA ALA C 98 10.86 16.02 3.00
C ALA C 98 11.31 16.64 1.69
N PRO C 99 12.26 16.02 0.98
CA PRO C 99 12.78 16.53 -0.30
C PRO C 99 11.87 16.28 -1.51
N GLN C 100 12.30 16.74 -2.68
CA GLN C 100 11.54 16.57 -3.93
C GLN C 100 11.64 15.15 -4.46
N GLY C 101 10.54 14.65 -5.01
CA GLY C 101 10.50 13.31 -5.55
C GLY C 101 10.21 12.26 -4.49
N SER C 102 9.74 12.73 -3.35
CA SER C 102 9.42 11.83 -2.26
C SER C 102 7.96 11.92 -1.89
N ARG C 103 7.48 10.93 -1.15
CA ARG C 103 6.11 10.91 -0.67
C ARG C 103 6.24 10.35 0.74
N SER C 104 5.41 10.82 1.66
CA SER C 104 5.50 10.35 3.03
C SER C 104 4.72 9.08 3.34
N LEU C 105 5.37 8.26 4.16
CA LEU C 105 4.88 6.99 4.63
C LEU C 105 3.97 7.22 5.83
N THR C 106 3.05 6.30 6.05
CA THR C 106 2.10 6.41 7.16
C THR C 106 2.53 5.52 8.31
N PRO C 107 2.45 6.02 9.55
CA PRO C 107 2.83 5.24 10.73
C PRO C 107 1.88 4.06 10.94
N CYS C 108 2.39 2.97 11.50
CA CYS C 108 1.55 1.80 11.77
C CYS C 108 0.55 2.03 12.88
N THR C 109 -0.59 1.34 12.82
CA THR C 109 -1.63 1.45 13.84
C THR C 109 -2.33 0.12 14.09
N CYS C 110 -1.74 -0.96 13.58
CA CYS C 110 -2.30 -2.30 13.74
C CYS C 110 -1.54 -3.08 14.79
N GLY C 111 -0.48 -2.46 15.31
CA GLY C 111 0.35 -3.09 16.32
C GLY C 111 0.81 -4.51 15.99
N SER C 112 1.18 -4.75 14.74
CA SER C 112 1.64 -6.07 14.37
C SER C 112 3.11 -6.22 14.74
N SER C 113 3.51 -7.47 14.97
CA SER C 113 4.88 -7.80 15.33
C SER C 113 5.57 -8.37 14.09
N ASP C 114 4.79 -8.62 13.04
CA ASP C 114 5.37 -9.15 11.81
C ASP C 114 5.83 -7.98 10.97
N LEU C 115 7.10 -7.61 11.15
CA LEU C 115 7.74 -6.49 10.47
C LEU C 115 8.53 -6.87 9.21
N TYR C 116 8.82 -5.88 8.37
CA TYR C 116 9.58 -6.09 7.15
C TYR C 116 10.58 -4.98 6.98
N LEU C 117 11.84 -5.35 6.83
CA LEU C 117 12.92 -4.39 6.66
C LEU C 117 13.22 -4.22 5.17
N VAL C 118 13.30 -2.97 4.72
CA VAL C 118 13.62 -2.68 3.31
C VAL C 118 15.07 -2.21 3.28
N THR C 119 15.91 -2.89 2.52
CA THR C 119 17.33 -2.53 2.44
C THR C 119 17.58 -1.53 1.33
N ARG C 120 18.81 -1.01 1.26
CA ARG C 120 19.18 -0.05 0.23
C ARG C 120 19.15 -0.67 -1.17
N HIS C 121 18.99 -1.99 -1.24
CA HIS C 121 18.97 -2.68 -2.52
C HIS C 121 17.53 -3.05 -2.89
N ALA C 122 16.59 -2.56 -2.10
CA ALA C 122 15.17 -2.82 -2.31
C ALA C 122 14.77 -4.22 -1.87
N ASP C 123 15.65 -4.90 -1.12
CA ASP C 123 15.37 -6.25 -0.63
C ASP C 123 14.43 -6.12 0.57
N VAL C 124 13.54 -7.09 0.72
CA VAL C 124 12.62 -7.08 1.85
C VAL C 124 13.06 -8.23 2.75
N ILE C 125 13.06 -7.98 4.07
CA ILE C 125 13.50 -8.98 5.04
C ILE C 125 12.51 -9.07 6.19
N PRO C 126 11.84 -10.24 6.35
CA PRO C 126 10.87 -10.38 7.45
C PRO C 126 11.61 -10.37 8.80
N VAL C 127 11.11 -9.56 9.73
CA VAL C 127 11.69 -9.43 11.06
C VAL C 127 10.56 -9.59 12.07
N ARG C 128 10.76 -10.43 13.07
CA ARG C 128 9.74 -10.62 14.08
C ARG C 128 10.06 -9.65 15.20
N ARG C 129 9.10 -8.80 15.56
CA ARG C 129 9.31 -7.82 16.61
C ARG C 129 9.40 -8.50 17.96
N ARG C 130 10.52 -8.29 18.64
CA ARG C 130 10.75 -8.86 19.95
C ARG C 130 10.40 -7.88 21.05
N GLY C 131 10.54 -6.59 20.75
CA GLY C 131 10.22 -5.59 21.76
C GLY C 131 10.19 -4.17 21.23
N ASP C 132 9.95 -3.25 22.15
CA ASP C 132 9.87 -1.82 21.90
C ASP C 132 10.71 -1.33 20.72
N SER C 133 11.94 -1.82 20.62
CA SER C 133 12.80 -1.39 19.54
C SER C 133 13.77 -2.47 19.09
N ARG C 134 13.33 -3.72 19.17
CA ARG C 134 14.18 -4.83 18.78
C ARG C 134 13.36 -5.83 17.97
N GLY C 135 14.03 -6.53 17.04
CA GLY C 135 13.36 -7.52 16.23
C GLY C 135 14.34 -8.56 15.72
N SER C 136 13.87 -9.77 15.46
CA SER C 136 14.73 -10.86 14.97
C SER C 136 14.50 -11.17 13.50
N LEU C 137 15.56 -11.25 12.70
CA LEU C 137 15.38 -11.58 11.28
C LEU C 137 14.89 -13.03 11.21
N LEU C 138 13.84 -13.28 10.44
CA LEU C 138 13.35 -14.65 10.32
C LEU C 138 14.42 -15.55 9.72
N SER C 139 15.40 -14.93 9.10
CA SER C 139 16.52 -15.64 8.50
C SER C 139 17.69 -14.68 8.53
N PRO C 140 18.69 -14.97 9.39
CA PRO C 140 19.88 -14.14 9.53
C PRO C 140 20.67 -14.08 8.23
N ARG C 141 21.31 -12.94 7.98
CA ARG C 141 22.08 -12.77 6.77
C ARG C 141 23.38 -12.11 7.20
N PRO C 142 24.41 -12.18 6.36
CA PRO C 142 25.71 -11.56 6.66
C PRO C 142 25.45 -10.09 6.89
N ILE C 143 26.20 -9.45 7.78
CA ILE C 143 25.96 -8.04 8.04
C ILE C 143 26.05 -7.19 6.76
N SER C 144 26.76 -7.72 5.76
CA SER C 144 26.93 -7.03 4.49
C SER C 144 25.62 -6.88 3.72
N TYR C 145 24.68 -7.79 3.96
CA TYR C 145 23.38 -7.74 3.28
C TYR C 145 22.60 -6.55 3.82
N LEU C 146 22.80 -6.22 5.09
CA LEU C 146 22.11 -5.10 5.75
C LEU C 146 23.01 -3.87 5.77
N LYS C 147 24.14 -3.95 5.09
CA LYS C 147 25.10 -2.86 5.05
C LYS C 147 24.59 -1.64 4.27
N GLY C 148 24.61 -0.47 4.91
CA GLY C 148 24.18 0.76 4.27
C GLY C 148 22.69 1.04 4.29
N SER C 149 21.95 0.26 5.07
CA SER C 149 20.50 0.40 5.14
C SER C 149 19.99 1.16 6.34
N SER C 150 20.89 1.62 7.22
CA SER C 150 20.48 2.34 8.42
C SER C 150 19.67 3.54 7.97
N GLY C 151 18.58 3.83 8.69
CA GLY C 151 17.74 4.94 8.32
C GLY C 151 16.54 4.45 7.53
N GLY C 152 16.68 3.26 6.94
CA GLY C 152 15.61 2.66 6.17
C GLY C 152 14.41 2.39 7.06
N PRO C 153 13.26 2.01 6.50
CA PRO C 153 12.08 1.76 7.35
C PRO C 153 11.82 0.31 7.73
N LEU C 154 11.10 0.16 8.84
CA LEU C 154 10.66 -1.13 9.33
C LEU C 154 9.16 -0.98 9.10
N LEU C 155 8.59 -1.84 8.24
CA LEU C 155 7.16 -1.79 7.88
C LEU C 155 6.33 -2.93 8.48
N CYS C 156 5.03 -2.70 8.65
CA CYS C 156 4.12 -3.71 9.16
C CYS C 156 3.41 -4.36 7.97
N PRO C 157 2.57 -5.41 8.19
CA PRO C 157 1.87 -6.07 7.08
C PRO C 157 1.11 -5.17 6.09
N ALA C 158 0.88 -3.92 6.48
CA ALA C 158 0.16 -2.98 5.63
C ALA C 158 1.09 -1.94 4.96
N GLY C 159 2.41 -2.16 5.05
CA GLY C 159 3.36 -1.24 4.45
C GLY C 159 3.53 0.08 5.20
N HIS C 160 2.95 0.17 6.39
CA HIS C 160 3.04 1.36 7.22
C HIS C 160 4.29 1.36 8.09
N ALA C 161 4.86 2.53 8.33
CA ALA C 161 6.08 2.72 9.12
C ALA C 161 5.94 2.30 10.56
N VAL C 162 6.76 1.33 10.96
CA VAL C 162 6.77 0.84 12.34
C VAL C 162 7.95 1.48 13.07
N GLY C 163 9.06 1.65 12.35
CA GLY C 163 10.23 2.26 12.93
C GLY C 163 11.30 2.46 11.88
N LEU C 164 12.41 3.06 12.28
CA LEU C 164 13.54 3.29 11.36
C LEU C 164 14.66 2.37 11.80
N PHE C 165 15.25 1.66 10.84
CA PHE C 165 16.35 0.75 11.11
C PHE C 165 17.54 1.51 11.68
N ARG C 166 17.85 1.28 12.96
CA ARG C 166 18.94 1.96 13.64
C ARG C 166 20.31 1.28 13.54
N ALA C 167 20.36 -0.01 13.88
CA ALA C 167 21.60 -0.76 13.87
C ALA C 167 21.36 -2.26 13.81
N ALA C 168 22.24 -2.98 13.10
CA ALA C 168 22.12 -4.42 12.99
C ALA C 168 22.80 -5.07 14.20
N VAL C 169 22.15 -6.08 14.77
CA VAL C 169 22.68 -6.81 15.91
C VAL C 169 23.41 -8.04 15.37
N CYS C 170 24.74 -8.01 15.41
CA CYS C 170 25.58 -9.07 14.88
C CYS C 170 26.17 -10.07 15.86
N THR C 171 26.45 -11.25 15.33
CA THR C 171 27.05 -12.33 16.07
C THR C 171 27.93 -13.06 15.06
N ARG C 172 29.22 -12.76 15.11
CA ARG C 172 30.20 -13.37 14.24
C ARG C 172 29.97 -12.97 12.78
N GLY C 173 29.62 -11.70 12.57
CA GLY C 173 29.40 -11.20 11.22
C GLY C 173 28.06 -11.53 10.58
N VAL C 174 27.19 -12.18 11.34
CA VAL C 174 25.87 -12.54 10.86
C VAL C 174 24.85 -11.72 11.62
N ALA C 175 24.07 -10.94 10.87
CA ALA C 175 23.01 -10.11 11.45
C ALA C 175 21.85 -11.03 11.77
N LYS C 176 21.44 -11.08 13.03
CA LYS C 176 20.35 -11.96 13.43
C LYS C 176 19.16 -11.16 13.99
N ALA C 177 19.42 -9.90 14.30
CA ALA C 177 18.40 -9.03 14.86
C ALA C 177 18.74 -7.60 14.48
N VAL C 178 17.82 -6.69 14.76
CA VAL C 178 18.02 -5.28 14.44
C VAL C 178 17.47 -4.37 15.52
N ASP C 179 18.09 -3.21 15.64
CA ASP C 179 17.65 -2.18 16.58
C ASP C 179 16.85 -1.22 15.71
N PHE C 180 15.80 -0.62 16.25
CA PHE C 180 15.05 0.33 15.45
C PHE C 180 14.44 1.42 16.30
N ILE C 181 14.20 2.58 15.67
CA ILE C 181 13.60 3.75 16.34
C ILE C 181 12.09 3.71 16.03
N PRO C 182 11.27 3.35 17.03
CA PRO C 182 9.81 3.29 16.85
C PRO C 182 9.23 4.59 16.28
N VAL C 183 8.22 4.48 15.42
CA VAL C 183 7.60 5.67 14.85
C VAL C 183 7.09 6.63 15.90
N GLU C 184 6.77 6.12 17.07
CA GLU C 184 6.27 6.94 18.17
C GLU C 184 7.31 7.94 18.59
N ASN C 185 8.57 7.56 18.50
CA ASN C 185 9.67 8.45 18.86
C ASN C 185 9.77 9.57 17.86
N LEU C 186 9.64 9.24 16.58
CA LEU C 186 9.68 10.24 15.54
C LEU C 186 8.53 11.20 15.80
N GLU C 187 7.36 10.64 16.07
CA GLU C 187 6.15 11.41 16.35
C GLU C 187 6.26 12.28 17.61
N THR C 188 7.12 11.85 18.53
CA THR C 188 7.34 12.57 19.77
C THR C 188 8.34 13.70 19.54
N THR C 189 9.36 13.40 18.73
CA THR C 189 10.41 14.36 18.41
C THR C 189 9.85 15.56 17.65
N MET C 190 8.73 15.34 16.96
CA MET C 190 8.11 16.42 16.21
C MET C 190 6.83 16.90 16.90
N GLY D 3 29.77 19.65 5.47
CA GLY D 3 29.21 19.13 4.18
C GLY D 3 27.71 18.81 4.28
N SER D 4 27.12 18.41 3.16
CA SER D 4 25.69 18.08 3.10
C SER D 4 25.47 16.60 2.81
N VAL D 5 24.31 16.11 3.23
CA VAL D 5 23.94 14.75 2.94
C VAL D 5 23.27 14.93 1.58
N VAL D 6 23.71 14.18 0.58
CA VAL D 6 23.11 14.29 -0.74
C VAL D 6 22.29 13.06 -1.07
N ILE D 7 21.22 13.24 -1.83
CA ILE D 7 20.37 12.13 -2.23
C ILE D 7 20.98 11.55 -3.48
N VAL D 8 21.19 10.24 -3.49
CA VAL D 8 21.80 9.57 -4.62
C VAL D 8 20.89 8.60 -5.36
N GLY D 9 19.71 8.35 -4.80
CA GLY D 9 18.78 7.42 -5.41
C GLY D 9 17.51 7.41 -4.60
N ARG D 10 16.50 6.70 -5.08
CA ARG D 10 15.21 6.64 -4.41
C ARG D 10 14.57 5.28 -4.57
N ILE D 11 13.80 4.89 -3.56
CA ILE D 11 13.08 3.62 -3.54
C ILE D 11 11.59 3.90 -3.39
N VAL D 12 10.78 3.27 -4.23
CA VAL D 12 9.31 3.39 -4.18
C VAL D 12 8.83 2.03 -3.66
N LEU D 13 8.22 2.03 -2.49
CA LEU D 13 7.78 0.78 -1.87
C LEU D 13 6.72 -0.02 -2.63
N SER D 14 5.92 0.65 -3.44
CA SER D 14 4.88 -0.04 -4.20
C SER D 14 5.40 -0.65 -5.50
N GLY D 15 6.63 -0.29 -5.89
CA GLY D 15 7.17 -0.81 -7.12
C GLY D 15 6.57 -0.14 -8.34
N LYS D 16 5.96 1.03 -8.13
CA LYS D 16 5.32 1.81 -9.18
C LYS D 16 6.26 2.32 -10.27
N PRO D 17 5.96 1.99 -11.54
CA PRO D 17 6.70 2.35 -12.75
C PRO D 17 6.52 3.81 -13.18
N ALA D 18 7.47 4.29 -13.99
CA ALA D 18 7.51 5.66 -14.54
C ALA D 18 8.13 6.71 -13.59
ZN ZN E . -5.09 -15.69 4.56
C1 BME F . -16.85 9.52 -16.56
C2 BME F . -17.67 8.23 -16.45
O1 BME F . -17.33 10.39 -17.59
S2 BME F . -17.62 7.21 -17.96
C1 FNH G . -24.98 2.42 4.80
O2 FNH G . -25.71 2.08 3.86
C3 FNH G . -25.20 1.84 6.20
C4 FNH G . -24.03 1.02 6.71
C5 FNH G . -24.41 -0.44 6.85
C6 FNH G . -24.92 -1.01 5.52
C7 FNH G . -24.86 -2.55 5.48
C8 FNH G . -25.17 -3.08 4.07
C9 FNH G . -24.37 -2.30 3.05
N10 FNH G . -23.96 3.26 4.66
C11 FNH G . -23.65 3.91 3.39
C12 FNH G . -22.73 5.15 3.60
C13 FNH G . -22.51 5.90 2.29
C17 FNH G . -23.36 6.13 4.60
C14 FNH G . -21.68 7.17 2.45
C16 FNH G . -22.55 7.40 4.82
C15 FNH G . -22.31 8.11 3.48
C18 FNH G . -22.96 2.99 2.39
O19 FNH G . -21.78 2.66 2.55
N20 FNH G . -23.69 2.57 1.35
C21 FNH G . -23.09 1.72 0.33
C22 FNH G . -24.17 1.05 -0.55
C23 FNH G . -24.99 0.04 0.19
C24 FNH G . -24.43 -0.71 1.20
C28 FNH G . -26.35 -0.07 -0.03
C27 FNH G . -27.14 -0.93 0.76
C26 FNH G . -26.54 -1.67 1.78
C25 FNH G . -25.17 -1.57 1.98
C29 FNH G . -22.18 2.61 -0.52
O30 FNH G . -22.64 3.55 -1.17
N31 FNH G . -20.88 2.34 -0.47
C32 FNH G . -19.91 3.13 -1.22
C33 FNH G . -18.84 3.71 -0.27
C34 FNH G . -19.25 3.83 1.20
C35 FNH G . -18.79 5.12 1.85
O36 FNH G . -20.41 2.20 -3.43
C37 FNH G . -19.33 2.45 -2.53
O38 FNH G . -17.44 3.84 -2.78
N39 FNH G . -18.95 4.07 -4.42
C40 FNH G . -19.90 5.17 -4.47
C41 FNH G . -19.36 6.54 -4.80
O42 FNH G . -19.40 7.43 -3.97
C43 FNH G . -18.51 3.53 -3.28
N44 FNH G . -18.85 6.69 -6.02
C45 FNH G . -18.28 7.94 -6.55
C46 FNH G . -17.43 8.93 -5.64
C47 FNH G . -17.86 9.98 -4.77
C51 FNH G . -16.03 8.74 -5.74
C48 FNH G . -16.97 10.81 -4.08
C50 FNH G . -15.12 9.55 -5.04
C49 FNH G . -15.60 10.60 -4.21
C52 FNH G . -19.29 8.76 -7.36
O53 FNH G . -20.37 9.13 -6.85
O54 FNH G . -19.05 9.05 -8.53
ZN ZN H . 0.23 -1.59 10.67
#